data_5I8X
#
_entry.id   5I8X
#
_cell.length_a   48.424
_cell.length_b   79.202
_cell.length_c   52.627
_cell.angle_alpha   90.00
_cell.angle_beta   94.52
_cell.angle_gamma   90.00
#
_symmetry.space_group_name_H-M   'P 1 21 1'
#
loop_
_entity.id
_entity.type
_entity.pdbx_description
1 polymer 'Fucose-binding lectin'
2 polymer DLS-LYS-CYS-LYS-LEU-CYS-LYS-LYS-NH2
3 non-polymer '3,7-anhydro-2,8-dideoxy-L-glycero-D-gluco-octonic acid'
4 non-polymer 'CALCIUM ION'
5 water water
#
loop_
_entity_poly.entity_id
_entity_poly.type
_entity_poly.pdbx_seq_one_letter_code
_entity_poly.pdbx_strand_id
1 'polypeptide(L)'
;ATQGVFTLPANTRFGVTAFANSSGTQTVNVLVNNETAATFSGQSTNNAVIGTQVLNSGSSGKVQVQVSVNGRPSDLVSAQ
VILTNELNFALVGSEDGTDNDYNDAVVVINWPLG
;
A,B,C,D
2 'polypeptide(L)' (DLS)KCKLCLK(NH2) E
#
loop_
_chem_comp.id
_chem_comp.type
_chem_comp.name
_chem_comp.formula
CA non-polymer 'CALCIUM ION' 'Ca 2'
NH2 non-polymer 'AMINO GROUP' 'H2 N'
ZDC D-saccharide '3,7-anhydro-2,8-dideoxy-L-glycero-D-gluco-octonic acid' 'C8 H14 O6'
#
# COMPACT_ATOMS: atom_id res chain seq x y z
N ALA A 1 -0.84 3.70 16.71
CA ALA A 1 0.49 3.20 16.39
C ALA A 1 1.43 4.32 16.00
N THR A 2 2.73 4.07 16.13
CA THR A 2 3.73 5.01 15.64
C THR A 2 3.56 5.22 14.14
N GLN A 3 3.65 6.48 13.72
CA GLN A 3 3.52 6.83 12.31
C GLN A 3 4.70 7.71 11.88
N GLY A 4 4.98 7.68 10.58
CA GLY A 4 6.02 8.51 10.00
C GLY A 4 7.44 8.02 10.21
N VAL A 5 7.64 6.80 10.69
CA VAL A 5 8.96 6.22 10.88
C VAL A 5 9.10 5.08 9.88
N PHE A 6 10.21 5.08 9.14
CA PHE A 6 10.47 4.08 8.12
C PHE A 6 11.88 3.58 8.26
N THR A 7 12.06 2.26 8.10
CA THR A 7 13.39 1.64 8.10
C THR A 7 13.80 1.44 6.65
N LEU A 8 14.73 2.22 6.20
CA LEU A 8 15.29 2.06 4.87
C LEU A 8 16.52 1.17 4.94
N PRO A 9 16.96 0.62 3.82
CA PRO A 9 18.27 -0.04 3.82
C PRO A 9 19.34 0.97 4.24
N ALA A 10 20.34 0.49 4.96
CA ALA A 10 21.33 1.40 5.52
C ALA A 10 22.15 2.04 4.41
N ASN A 11 22.62 3.26 4.65
CA ASN A 11 23.60 3.92 3.79
C ASN A 11 23.07 4.05 2.36
N THR A 12 21.79 4.38 2.22
CA THR A 12 21.15 4.44 0.91
C THR A 12 20.58 5.83 0.69
N ARG A 13 20.86 6.39 -0.49
CA ARG A 13 20.28 7.69 -0.82
C ARG A 13 18.79 7.57 -1.08
N PHE A 14 18.03 8.56 -0.60
CA PHE A 14 16.60 8.65 -0.82
C PHE A 14 16.20 10.11 -1.07
N GLY A 15 15.09 10.28 -1.75
CA GLY A 15 14.50 11.60 -1.93
C GLY A 15 13.40 11.79 -0.90
N VAL A 16 13.27 13.03 -0.42
CA VAL A 16 12.13 13.42 0.42
C VAL A 16 11.59 14.76 -0.08
N THR A 17 10.27 14.81 -0.30
CA THR A 17 9.62 15.94 -0.94
C THR A 17 8.34 16.25 -0.17
N ALA A 18 8.13 17.51 0.21
CA ALA A 18 6.94 17.91 0.96
C ALA A 18 6.09 18.88 0.16
N PHE A 19 4.78 18.70 0.24
CA PHE A 19 3.78 19.56 -0.37
C PHE A 19 2.87 20.12 0.72
N ALA A 20 2.37 21.35 0.53
CA ALA A 20 1.49 21.96 1.53
C ALA A 20 0.09 22.17 0.98
N ASN A 21 -0.92 21.93 1.84
CA ASN A 21 -2.33 22.16 1.50
C ASN A 21 -3.03 22.68 2.74
N SER A 22 -2.70 23.91 3.16
CA SER A 22 -3.24 24.42 4.42
C SER A 22 -3.05 25.92 4.48
N SER A 23 -3.96 26.59 5.19
CA SER A 23 -3.70 28.00 5.45
C SER A 23 -2.60 28.17 6.49
N GLY A 24 -2.26 27.12 7.24
CA GLY A 24 -1.17 27.19 8.20
C GLY A 24 0.17 26.95 7.53
N THR A 25 1.18 27.72 7.95
CA THR A 25 2.54 27.49 7.46
C THR A 25 3.04 26.14 8.00
N GLN A 26 3.42 25.25 7.09
CA GLN A 26 3.87 23.91 7.44
C GLN A 26 5.36 23.86 7.70
N THR A 27 5.75 23.13 8.74
CA THR A 27 7.16 22.86 9.05
C THR A 27 7.36 21.35 9.05
N VAL A 28 8.23 20.85 8.18
CA VAL A 28 8.52 19.43 8.06
C VAL A 28 9.95 19.18 8.53
N ASN A 29 10.12 18.28 9.49
CA ASN A 29 11.43 17.82 9.92
C ASN A 29 11.64 16.40 9.46
N VAL A 30 12.80 16.13 8.86
CA VAL A 30 13.21 14.77 8.49
C VAL A 30 14.41 14.39 9.35
N LEU A 31 14.27 13.34 10.15
CA LEU A 31 15.32 12.86 11.02
C LEU A 31 15.95 11.60 10.44
N VAL A 32 17.27 11.53 10.52
CA VAL A 32 18.02 10.33 10.19
C VAL A 32 18.89 9.99 11.39
N ASN A 33 18.89 8.73 11.79
CA ASN A 33 19.50 8.27 13.04
C ASN A 33 19.10 9.17 14.21
N ASN A 34 17.81 9.51 14.26
CA ASN A 34 17.25 10.30 15.37
C ASN A 34 17.89 11.68 15.46
N GLU A 35 18.42 12.19 14.36
CA GLU A 35 19.01 13.53 14.28
C GLU A 35 18.38 14.27 13.12
N THR A 36 18.02 15.53 13.34
CA THR A 36 17.49 16.34 12.24
C THR A 36 18.48 16.37 11.09
N ALA A 37 18.02 15.94 9.91
CA ALA A 37 18.83 16.00 8.69
C ALA A 37 18.33 17.03 7.69
N ALA A 38 17.05 17.38 7.71
CA ALA A 38 16.50 18.35 6.80
C ALA A 38 15.26 18.96 7.43
N THR A 39 15.06 20.25 7.20
CA THR A 39 13.88 20.96 7.66
C THR A 39 13.30 21.75 6.49
N PHE A 40 12.00 21.63 6.26
CA PHE A 40 11.30 22.39 5.23
C PHE A 40 10.24 23.26 5.87
N SER A 41 9.95 24.40 5.25
CA SER A 41 8.84 25.22 5.71
C SER A 41 8.27 26.01 4.55
N GLY A 42 6.95 26.13 4.52
CA GLY A 42 6.27 26.96 3.54
C GLY A 42 4.77 26.91 3.75
N GLN A 43 4.06 27.71 2.97
CA GLN A 43 2.61 27.75 3.02
C GLN A 43 2.02 27.74 1.62
N SER A 44 1.01 26.89 1.43
CA SER A 44 0.25 26.81 0.19
C SER A 44 -1.08 26.13 0.46
N THR A 45 -2.10 26.54 -0.29
CA THR A 45 -3.31 25.75 -0.38
C THR A 45 -3.44 25.06 -1.73
N ASN A 46 -2.36 25.03 -2.52
CA ASN A 46 -2.41 24.50 -3.87
C ASN A 46 -1.31 23.48 -4.13
N ASN A 47 -0.96 22.71 -3.11
CA ASN A 47 -0.02 21.60 -3.25
C ASN A 47 1.39 22.05 -3.65
N ALA A 48 1.78 23.29 -3.34
CA ALA A 48 3.13 23.70 -3.69
C ALA A 48 4.16 22.84 -2.95
N VAL A 49 5.23 22.50 -3.65
CA VAL A 49 6.40 21.87 -3.06
C VAL A 49 7.06 22.89 -2.14
N ILE A 50 7.09 22.61 -0.83
CA ILE A 50 7.80 23.47 0.09
C ILE A 50 9.22 23.00 0.34
N GLY A 51 9.58 21.84 -0.20
CA GLY A 51 10.98 21.41 -0.15
C GLY A 51 11.21 20.07 -0.81
N THR A 52 12.40 19.85 -1.35
CA THR A 52 12.75 18.54 -1.87
C THR A 52 14.25 18.40 -1.74
N GLN A 53 14.70 17.23 -1.30
CA GLN A 53 16.06 17.06 -0.84
C GLN A 53 16.48 15.61 -1.02
N VAL A 54 17.75 15.41 -1.36
CA VAL A 54 18.37 14.10 -1.38
C VAL A 54 19.14 13.90 -0.09
N LEU A 55 18.88 12.79 0.61
CA LEU A 55 19.56 12.47 1.86
C LEU A 55 20.06 11.03 1.83
N ASN A 56 20.87 10.72 2.83
CA ASN A 56 21.36 9.37 3.03
C ASN A 56 20.75 8.79 4.30
N SER A 57 20.36 7.51 4.23
CA SER A 57 19.66 6.88 5.36
C SER A 57 20.60 6.55 6.51
N GLY A 58 21.91 6.62 6.31
CA GLY A 58 22.81 6.44 7.43
C GLY A 58 22.93 5.00 7.90
N SER A 59 23.66 4.85 9.00
CA SER A 59 24.04 3.51 9.47
C SER A 59 22.84 2.72 9.96
N SER A 60 21.84 3.39 10.55
CA SER A 60 20.68 2.67 11.06
C SER A 60 19.61 2.49 10.01
N GLY A 61 19.58 3.34 8.99
CA GLY A 61 18.51 3.34 8.03
C GLY A 61 17.20 3.94 8.51
N LYS A 62 17.15 4.37 9.77
CA LYS A 62 15.89 4.85 10.35
C LYS A 62 15.63 6.29 9.94
N VAL A 63 14.51 6.52 9.25
CA VAL A 63 14.10 7.84 8.81
C VAL A 63 12.78 8.18 9.48
N GLN A 64 12.68 9.40 10.01
CA GLN A 64 11.46 9.86 10.66
C GLN A 64 11.04 11.18 10.07
N VAL A 65 9.73 11.34 9.85
CA VAL A 65 9.14 12.60 9.43
C VAL A 65 8.28 13.13 10.57
N GLN A 66 8.47 14.40 10.90
CA GLN A 66 7.63 15.14 11.83
C GLN A 66 7.07 16.37 11.13
N VAL A 67 5.85 16.74 11.48
CA VAL A 67 5.18 17.88 10.88
C VAL A 67 4.58 18.75 11.97
N SER A 68 4.77 20.06 11.85
CA SER A 68 4.34 21.02 12.86
C SER A 68 3.79 22.27 12.21
N VAL A 69 2.76 22.84 12.85
CA VAL A 69 2.20 24.12 12.43
C VAL A 69 2.22 25.05 13.65
N ASN A 70 2.98 26.14 13.56
CA ASN A 70 3.08 27.13 14.65
C ASN A 70 3.45 26.49 15.99
N GLY A 71 4.36 25.52 15.96
CA GLY A 71 4.80 24.85 17.16
C GLY A 71 3.96 23.66 17.58
N ARG A 72 2.86 23.38 16.88
CA ARG A 72 1.95 22.33 17.29
C ARG A 72 2.09 21.13 16.35
N PRO A 73 2.54 19.98 16.84
CA PRO A 73 2.68 18.81 15.97
C PRO A 73 1.34 18.40 15.38
N SER A 74 1.36 18.07 14.10
CA SER A 74 0.18 17.58 13.40
C SER A 74 0.01 16.09 13.64
N ASP A 75 -1.21 15.62 13.43
CA ASP A 75 -1.47 14.17 13.49
C ASP A 75 -1.06 13.52 12.19
N LEU A 76 -0.32 12.41 12.27
CA LEU A 76 0.29 11.79 11.10
C LEU A 76 -0.39 10.48 10.72
N VAL A 77 -0.47 10.22 9.40
N VAL A 77 -0.45 10.21 9.41
CA VAL A 77 -0.74 8.91 8.84
CA VAL A 77 -0.74 8.90 8.87
C VAL A 77 0.39 8.55 7.90
C VAL A 77 0.37 8.54 7.89
N SER A 78 0.72 7.25 7.83
CA SER A 78 1.84 6.85 6.98
C SER A 78 1.72 5.39 6.56
N ALA A 79 2.51 5.04 5.56
CA ALA A 79 2.62 3.67 5.05
C ALA A 79 3.78 3.63 4.07
N GLN A 80 4.25 2.42 3.79
CA GLN A 80 5.27 2.16 2.79
C GLN A 80 4.71 1.19 1.75
N VAL A 81 5.00 1.46 0.48
CA VAL A 81 4.54 0.61 -0.62
C VAL A 81 5.74 0.26 -1.49
N ILE A 82 5.79 -0.97 -1.99
CA ILE A 82 6.89 -1.41 -2.83
C ILE A 82 6.33 -2.00 -4.10
N LEU A 83 6.76 -1.47 -5.24
CA LEU A 83 6.34 -1.95 -6.54
C LEU A 83 7.43 -2.79 -7.19
N THR A 84 7.02 -3.88 -7.84
CA THR A 84 7.88 -4.85 -8.52
C THR A 84 9.11 -5.16 -7.67
N ASN A 85 8.90 -5.28 -6.36
CA ASN A 85 9.92 -5.75 -5.42
C ASN A 85 11.19 -4.89 -5.48
N GLU A 86 11.09 -3.65 -5.96
CA GLU A 86 12.27 -2.83 -6.18
C GLU A 86 12.06 -1.35 -5.84
N LEU A 87 10.92 -0.78 -6.24
CA LEU A 87 10.69 0.65 -6.11
C LEU A 87 9.91 0.94 -4.84
N ASN A 88 10.43 1.85 -4.02
CA ASN A 88 9.95 2.05 -2.66
C ASN A 88 9.40 3.46 -2.49
N PHE A 89 8.24 3.55 -1.86
CA PHE A 89 7.58 4.79 -1.48
C PHE A 89 7.27 4.70 0.01
N ALA A 90 7.67 5.73 0.76
CA ALA A 90 7.21 5.92 2.13
C ALA A 90 6.39 7.19 2.13
N LEU A 91 5.13 7.09 2.56
CA LEU A 91 4.15 8.13 2.36
C LEU A 91 3.65 8.65 3.71
N VAL A 92 3.53 9.98 3.81
CA VAL A 92 3.07 10.60 5.05
C VAL A 92 1.99 11.62 4.72
N GLY A 93 0.86 11.53 5.41
CA GLY A 93 -0.09 12.62 5.47
C GLY A 93 -0.08 13.22 6.86
N SER A 94 -0.58 14.44 6.99
CA SER A 94 -0.64 15.11 8.29
C SER A 94 -1.85 16.02 8.35
N GLU A 95 -2.40 16.18 9.57
CA GLU A 95 -3.59 16.99 9.81
C GLU A 95 -3.30 17.98 10.92
N ASP A 96 -3.53 19.27 10.64
CA ASP A 96 -3.20 20.33 11.58
C ASP A 96 -4.41 20.94 12.28
N GLY A 97 -5.61 20.46 11.96
CA GLY A 97 -6.84 21.06 12.43
C GLY A 97 -7.96 20.05 12.59
N THR A 98 -9.17 20.38 12.11
CA THR A 98 -10.36 19.59 12.39
C THR A 98 -11.06 18.99 11.19
N ASP A 99 -10.67 19.31 9.95
CA ASP A 99 -11.44 18.82 8.82
C ASP A 99 -11.01 17.43 8.37
N ASN A 100 -9.82 16.98 8.75
CA ASN A 100 -9.38 15.61 8.52
C ASN A 100 -9.26 15.28 7.04
N ASP A 101 -8.72 16.22 6.25
CA ASP A 101 -8.30 15.83 4.90
C ASP A 101 -6.89 15.26 4.89
N TYR A 102 -6.13 15.46 5.96
CA TYR A 102 -4.80 14.86 6.15
C TYR A 102 -3.85 15.16 4.99
N ASN A 103 -4.07 16.28 4.30
CA ASN A 103 -3.20 16.70 3.22
C ASN A 103 -2.41 17.97 3.58
N ASP A 104 -2.45 18.38 4.84
CA ASP A 104 -1.99 19.72 5.20
C ASP A 104 -0.49 19.86 4.92
N ALA A 105 0.30 18.87 5.33
CA ALA A 105 1.60 18.59 4.75
C ALA A 105 1.56 17.16 4.21
N VAL A 106 1.96 16.98 2.96
CA VAL A 106 2.11 15.64 2.38
C VAL A 106 3.59 15.43 2.09
N VAL A 107 4.15 14.31 2.57
CA VAL A 107 5.56 14.01 2.42
C VAL A 107 5.75 12.68 1.69
N VAL A 108 6.51 12.71 0.60
CA VAL A 108 6.84 11.54 -0.20
C VAL A 108 8.32 11.28 -0.07
N ILE A 109 8.68 10.07 0.37
CA ILE A 109 10.04 9.58 0.40
C ILE A 109 10.14 8.45 -0.62
N ASN A 110 11.12 8.53 -1.53
CA ASN A 110 11.25 7.51 -2.57
C ASN A 110 12.68 7.03 -2.68
N TRP A 111 12.85 5.74 -2.97
CA TRP A 111 14.15 5.14 -3.24
C TRP A 111 13.98 3.82 -4.01
N PRO A 112 15.04 3.32 -4.67
CA PRO A 112 16.38 3.88 -4.80
C PRO A 112 16.41 5.06 -5.76
N LEU A 113 17.51 5.82 -5.70
CA LEU A 113 17.77 6.91 -6.64
C LEU A 113 18.81 6.46 -7.65
N GLY A 114 19.03 7.32 -8.65
CA GLY A 114 20.13 7.13 -9.59
C GLY A 114 19.79 6.30 -10.80
N ALA B 1 -5.29 9.51 13.84
CA ALA B 1 -6.30 9.41 12.80
C ALA B 1 -7.09 8.12 12.93
N THR B 2 -8.33 8.17 12.43
CA THR B 2 -9.19 7.00 12.44
C THR B 2 -8.57 5.90 11.56
N GLN B 3 -8.69 4.66 12.05
CA GLN B 3 -8.17 3.49 11.37
C GLN B 3 -9.22 2.39 11.35
N GLY B 4 -9.15 1.53 10.33
CA GLY B 4 -10.08 0.42 10.21
C GLY B 4 -11.45 0.75 9.66
N VAL B 5 -11.58 1.90 8.99
CA VAL B 5 -12.84 2.35 8.41
C VAL B 5 -12.62 2.56 6.93
N PHE B 6 -13.49 1.98 6.12
CA PHE B 6 -13.28 2.02 4.68
C PHE B 6 -14.58 2.32 3.97
N THR B 7 -14.53 3.18 2.95
CA THR B 7 -15.70 3.41 2.12
C THR B 7 -15.57 2.56 0.86
N LEU B 8 -16.44 1.58 0.76
CA LEU B 8 -16.49 0.72 -0.40
C LEU B 8 -17.49 1.26 -1.39
N PRO B 9 -17.47 0.77 -2.63
CA PRO B 9 -18.59 1.04 -3.55
C PRO B 9 -19.88 0.54 -2.93
N ALA B 10 -20.95 1.28 -3.15
CA ALA B 10 -22.24 0.89 -2.60
C ALA B 10 -22.69 -0.46 -3.17
N ASN B 11 -23.39 -1.22 -2.32
CA ASN B 11 -24.13 -2.42 -2.75
C ASN B 11 -23.23 -3.41 -3.48
N THR B 12 -22.03 -3.61 -2.95
CA THR B 12 -21.00 -4.43 -3.56
C THR B 12 -20.59 -5.53 -2.59
N ARG B 13 -20.47 -6.76 -3.09
CA ARG B 13 -20.03 -7.88 -2.28
C ARG B 13 -18.52 -7.78 -2.02
N PHE B 14 -18.12 -8.09 -0.79
CA PHE B 14 -16.71 -8.05 -0.43
C PHE B 14 -16.42 -9.20 0.50
N GLY B 15 -15.19 -9.71 0.41
CA GLY B 15 -14.71 -10.69 1.35
C GLY B 15 -14.04 -10.03 2.56
N VAL B 16 -14.21 -10.65 3.72
CA VAL B 16 -13.49 -10.22 4.92
C VAL B 16 -12.96 -11.47 5.61
N THR B 17 -11.67 -11.45 5.97
CA THR B 17 -10.95 -12.60 6.49
C THR B 17 -10.02 -12.16 7.61
N ALA B 18 -10.01 -12.92 8.71
CA ALA B 18 -9.20 -12.55 9.88
C ALA B 18 -8.23 -13.67 10.22
N PHE B 19 -7.02 -13.26 10.59
CA PHE B 19 -5.92 -14.12 10.99
C PHE B 19 -5.52 -13.74 12.42
N ALA B 20 -5.11 -14.74 13.20
CA ALA B 20 -4.72 -14.51 14.58
C ALA B 20 -3.24 -14.85 14.80
N ASN B 21 -2.55 -14.01 15.59
CA ASN B 21 -1.14 -14.22 15.90
C ASN B 21 -0.87 -13.70 17.31
N SER B 22 -1.43 -14.36 18.31
CA SER B 22 -1.32 -13.88 19.69
C SER B 22 -1.70 -15.00 20.66
N SER B 23 -1.14 -14.94 21.87
CA SER B 23 -1.61 -15.82 22.93
C SER B 23 -3.01 -15.43 23.40
N GLY B 24 -3.45 -14.21 23.12
CA GLY B 24 -4.77 -13.76 23.52
C GLY B 24 -5.80 -14.10 22.45
N THR B 25 -6.95 -14.60 22.91
CA THR B 25 -8.06 -14.88 22.01
C THR B 25 -8.55 -13.57 21.37
N GLN B 26 -8.57 -13.54 20.04
CA GLN B 26 -8.98 -12.36 19.30
C GLN B 26 -10.48 -12.39 19.05
N THR B 27 -11.11 -11.22 19.11
CA THR B 27 -12.48 -11.03 18.63
C THR B 27 -12.48 -9.93 17.56
N VAL B 28 -12.90 -10.27 16.36
CA VAL B 28 -12.99 -9.33 15.26
C VAL B 28 -14.46 -9.11 14.95
N ASN B 29 -14.88 -7.85 15.01
CA ASN B 29 -16.23 -7.46 14.61
C ASN B 29 -16.14 -6.64 13.34
N VAL B 30 -17.06 -6.91 12.41
CA VAL B 30 -17.13 -6.18 11.17
C VAL B 30 -18.49 -5.48 11.10
N LEU B 31 -18.46 -4.16 10.95
CA LEU B 31 -19.66 -3.34 10.90
C LEU B 31 -19.88 -2.84 9.49
N VAL B 32 -21.13 -2.89 9.05
CA VAL B 32 -21.56 -2.29 7.80
C VAL B 32 -22.67 -1.31 8.12
N ASN B 33 -22.51 -0.06 7.68
CA ASN B 33 -23.48 0.98 8.00
C ASN B 33 -23.70 1.07 9.51
N ASN B 34 -22.63 0.84 10.26
CA ASN B 34 -22.58 0.98 11.71
C ASN B 34 -23.33 -0.14 12.43
N GLU B 35 -23.67 -1.23 11.72
CA GLU B 35 -24.31 -2.38 12.34
C GLU B 35 -23.42 -3.61 12.20
N THR B 36 -23.29 -4.36 13.28
CA THR B 36 -22.46 -5.56 13.25
C THR B 36 -23.03 -6.56 12.24
N ALA B 37 -22.19 -6.97 11.29
CA ALA B 37 -22.56 -7.92 10.26
C ALA B 37 -21.77 -9.23 10.32
N ALA B 38 -20.62 -9.23 10.97
CA ALA B 38 -19.87 -10.46 11.18
C ALA B 38 -19.03 -10.34 12.43
N THR B 39 -18.80 -11.49 13.06
CA THR B 39 -17.93 -11.61 14.23
C THR B 39 -17.11 -12.88 14.11
N PHE B 40 -15.79 -12.74 14.24
CA PHE B 40 -14.85 -13.83 14.20
C PHE B 40 -14.10 -13.89 15.52
N SER B 41 -13.73 -15.10 15.94
CA SER B 41 -12.84 -15.21 17.09
C SER B 41 -12.04 -16.50 17.01
N GLY B 42 -10.87 -16.46 17.63
CA GLY B 42 -10.00 -17.61 17.73
C GLY B 42 -8.71 -17.22 18.43
N GLN B 43 -7.85 -18.23 18.60
CA GLN B 43 -6.59 -18.03 19.31
C GLN B 43 -5.51 -18.87 18.63
N SER B 44 -4.52 -18.20 18.07
CA SER B 44 -3.43 -18.88 17.40
C SER B 44 -2.22 -17.96 17.41
N THR B 45 -1.03 -18.55 17.55
CA THR B 45 0.21 -17.84 17.27
C THR B 45 0.81 -18.25 15.92
N ASN B 46 0.00 -18.88 15.04
CA ASN B 46 0.46 -19.38 13.75
C ASN B 46 -0.50 -18.99 12.61
N ASN B 47 -1.12 -17.81 12.68
CA ASN B 47 -1.85 -17.24 11.55
C ASN B 47 -3.12 -18.02 11.19
N ALA B 48 -3.80 -18.61 12.17
CA ALA B 48 -5.05 -19.32 11.86
C ALA B 48 -6.07 -18.38 11.23
N VAL B 49 -6.81 -18.88 10.24
CA VAL B 49 -7.87 -18.13 9.59
C VAL B 49 -9.14 -18.33 10.44
N ILE B 50 -9.28 -17.48 11.46
CA ILE B 50 -10.34 -17.66 12.45
C ILE B 50 -11.72 -17.33 11.88
N GLY B 51 -11.78 -16.58 10.79
CA GLY B 51 -13.05 -16.37 10.12
C GLY B 51 -12.89 -15.85 8.70
N THR B 52 -13.87 -16.15 7.85
CA THR B 52 -13.90 -15.60 6.50
C THR B 52 -15.35 -15.64 6.04
N GLN B 53 -15.76 -14.58 5.35
CA GLN B 53 -17.18 -14.40 5.07
C GLN B 53 -17.30 -13.41 3.91
N VAL B 54 -18.40 -13.54 3.18
CA VAL B 54 -18.77 -12.62 2.13
C VAL B 54 -19.90 -11.76 2.67
N LEU B 55 -19.71 -10.45 2.62
CA LEU B 55 -20.70 -9.49 3.06
C LEU B 55 -21.06 -8.57 1.89
N ASN B 56 -22.15 -7.83 2.07
CA ASN B 56 -22.57 -6.82 1.11
C ASN B 56 -22.38 -5.44 1.72
N SER B 57 -21.78 -4.52 0.94
CA SER B 57 -21.47 -3.21 1.50
C SER B 57 -22.70 -2.35 1.72
N GLY B 58 -23.85 -2.73 1.16
CA GLY B 58 -25.08 -2.01 1.42
C GLY B 58 -25.05 -0.62 0.81
N SER B 59 -26.11 0.14 1.11
CA SER B 59 -26.34 1.39 0.42
C SER B 59 -25.36 2.47 0.80
N SER B 60 -24.70 2.36 1.95
CA SER B 60 -23.74 3.38 2.36
C SER B 60 -22.30 3.02 2.01
N GLY B 61 -22.00 1.74 1.81
CA GLY B 61 -20.66 1.30 1.55
C GLY B 61 -19.69 1.42 2.71
N LYS B 62 -20.15 1.83 3.88
CA LYS B 62 -19.27 2.05 5.01
C LYS B 62 -19.01 0.73 5.72
N VAL B 63 -17.73 0.34 5.81
CA VAL B 63 -17.33 -0.88 6.50
C VAL B 63 -16.32 -0.53 7.57
N GLN B 64 -16.56 -0.97 8.80
CA GLN B 64 -15.62 -0.74 9.90
C GLN B 64 -15.20 -2.06 10.53
N VAL B 65 -13.91 -2.15 10.85
CA VAL B 65 -13.32 -3.31 11.53
C VAL B 65 -12.94 -2.87 12.93
N GLN B 66 -13.29 -3.70 13.93
CA GLN B 66 -12.93 -3.45 15.32
C GLN B 66 -12.39 -4.75 15.91
N VAL B 67 -11.37 -4.63 16.75
CA VAL B 67 -10.70 -5.80 17.32
C VAL B 67 -10.61 -5.63 18.83
N SER B 68 -10.96 -6.69 19.56
CA SER B 68 -10.76 -6.68 21.00
C SER B 68 -10.26 -8.02 21.50
N VAL B 69 -9.60 -7.98 22.65
CA VAL B 69 -9.05 -9.14 23.33
C VAL B 69 -9.57 -9.09 24.77
N ASN B 70 -10.33 -10.11 25.16
CA ASN B 70 -10.94 -10.22 26.48
C ASN B 70 -11.50 -8.88 26.95
N GLY B 71 -12.24 -8.23 26.07
CA GLY B 71 -12.98 -7.02 26.40
C GLY B 71 -12.29 -5.72 26.10
N ARG B 72 -10.99 -5.72 25.83
CA ARG B 72 -10.28 -4.47 25.68
C ARG B 72 -10.00 -4.21 24.21
N PRO B 73 -10.31 -3.03 23.68
CA PRO B 73 -10.07 -2.77 22.26
C PRO B 73 -8.59 -2.72 21.93
N SER B 74 -8.23 -3.30 20.79
CA SER B 74 -6.88 -3.25 20.26
C SER B 74 -6.65 -1.98 19.46
N ASP B 75 -5.41 -1.50 19.50
CA ASP B 75 -4.99 -0.40 18.64
C ASP B 75 -4.87 -0.89 17.21
N LEU B 76 -5.39 -0.11 16.25
CA LEU B 76 -5.50 -0.54 14.86
C LEU B 76 -4.62 0.30 13.95
N VAL B 77 -4.14 -0.33 12.87
CA VAL B 77 -3.49 0.36 11.75
C VAL B 77 -4.14 -0.16 10.48
N SER B 78 -4.27 0.71 9.48
CA SER B 78 -4.96 0.27 8.27
C SER B 78 -4.55 1.11 7.07
N ALA B 79 -4.91 0.60 5.90
CA ALA B 79 -4.77 1.28 4.63
C ALA B 79 -5.54 0.47 3.59
N GLN B 80 -5.80 1.10 2.45
CA GLN B 80 -6.39 0.47 1.30
C GLN B 80 -5.42 0.59 0.12
N VAL B 81 -5.32 -0.48 -0.67
CA VAL B 81 -4.49 -0.50 -1.87
C VAL B 81 -5.32 -0.96 -3.06
N ILE B 82 -5.04 -0.39 -4.24
CA ILE B 82 -5.74 -0.75 -5.47
C ILE B 82 -4.69 -1.13 -6.50
N LEU B 83 -4.79 -2.37 -7.02
CA LEU B 83 -3.91 -2.84 -8.08
C LEU B 83 -4.63 -2.76 -9.42
N THR B 84 -3.87 -2.37 -10.45
CA THR B 84 -4.33 -2.13 -11.82
C THR B 84 -5.70 -1.47 -11.88
N ASN B 85 -5.94 -0.53 -10.95
CA ASN B 85 -7.12 0.32 -10.93
C ASN B 85 -8.42 -0.48 -10.79
N GLU B 86 -8.35 -1.72 -10.30
CA GLU B 86 -9.53 -2.58 -10.25
C GLU B 86 -9.62 -3.44 -8.99
N LEU B 87 -8.49 -3.93 -8.51
CA LEU B 87 -8.48 -4.93 -7.45
C LEU B 87 -8.16 -4.24 -6.14
N ASN B 88 -9.06 -4.36 -5.17
CA ASN B 88 -9.00 -3.60 -3.93
C ASN B 88 -8.69 -4.50 -2.74
N PHE B 89 -7.79 -4.02 -1.89
CA PHE B 89 -7.51 -4.61 -0.59
C PHE B 89 -7.68 -3.53 0.47
N ALA B 90 -8.48 -3.80 1.49
CA ALA B 90 -8.50 -2.98 2.69
C ALA B 90 -7.83 -3.80 3.79
N LEU B 91 -6.75 -3.26 4.36
CA LEU B 91 -5.86 -4.02 5.23
C LEU B 91 -5.94 -3.47 6.64
N VAL B 92 -5.95 -4.37 7.63
CA VAL B 92 -6.00 -3.97 9.04
C VAL B 92 -5.02 -4.81 9.85
N GLY B 93 -4.20 -4.16 10.67
CA GLY B 93 -3.44 -4.83 11.71
C GLY B 93 -3.86 -4.31 13.07
N SER B 94 -3.48 -5.05 14.12
CA SER B 94 -3.90 -4.69 15.46
C SER B 94 -2.89 -5.17 16.50
N GLU B 95 -2.82 -4.44 17.62
CA GLU B 95 -1.91 -4.72 18.72
C GLU B 95 -2.69 -4.86 20.02
N ASP B 96 -2.50 -5.98 20.71
CA ASP B 96 -3.23 -6.21 21.97
C ASP B 96 -2.34 -6.10 23.19
N GLY B 97 -1.04 -5.89 23.02
CA GLY B 97 -0.13 -5.82 24.14
C GLY B 97 0.93 -4.74 23.96
N THR B 98 2.18 -5.10 24.19
CA THR B 98 3.26 -4.12 24.23
C THR B 98 4.40 -4.38 23.27
N ASP B 99 4.41 -5.51 22.55
CA ASP B 99 5.54 -5.77 21.67
C ASP B 99 5.40 -5.11 20.31
N ASN B 100 4.26 -4.51 20.02
CA ASN B 100 4.03 -3.71 18.81
C ASN B 100 4.37 -4.46 17.52
N ASP B 101 3.97 -5.72 17.44
CA ASP B 101 4.09 -6.36 16.13
C ASP B 101 2.84 -6.15 15.28
N TYR B 102 1.74 -5.70 15.88
CA TYR B 102 0.52 -5.30 15.15
C TYR B 102 -0.01 -6.41 14.24
N ASN B 103 0.31 -7.66 14.56
CA ASN B 103 -0.21 -8.82 13.83
C ASN B 103 -1.19 -9.64 14.65
N ASP B 104 -1.60 -9.16 15.82
CA ASP B 104 -2.32 -10.00 16.77
C ASP B 104 -3.65 -10.47 16.18
N ALA B 105 -4.34 -9.58 15.49
CA ALA B 105 -5.40 -9.93 14.56
C ALA B 105 -5.15 -9.13 13.30
N VAL B 106 -5.08 -9.82 12.17
CA VAL B 106 -4.86 -9.21 10.86
C VAL B 106 -6.14 -9.44 10.07
N VAL B 107 -6.62 -8.40 9.39
CA VAL B 107 -7.89 -8.49 8.68
C VAL B 107 -7.70 -7.98 7.26
N VAL B 108 -8.11 -8.78 6.28
CA VAL B 108 -8.05 -8.39 4.87
C VAL B 108 -9.47 -8.34 4.34
N ILE B 109 -9.84 -7.20 3.75
CA ILE B 109 -11.07 -7.06 2.99
C ILE B 109 -10.69 -6.97 1.53
N ASN B 110 -11.39 -7.71 0.67
CA ASN B 110 -11.07 -7.65 -0.75
C ASN B 110 -12.33 -7.56 -1.60
N TRP B 111 -12.24 -6.81 -2.70
CA TRP B 111 -13.32 -6.70 -3.66
C TRP B 111 -12.72 -6.23 -4.99
N PRO B 112 -13.43 -6.43 -6.12
CA PRO B 112 -14.71 -7.13 -6.24
C PRO B 112 -14.57 -8.64 -6.19
N LEU B 113 -15.69 -9.35 -6.08
CA LEU B 113 -15.73 -10.79 -6.04
C LEU B 113 -16.31 -11.33 -7.35
N GLY B 114 -16.33 -12.66 -7.46
CA GLY B 114 -17.01 -13.32 -8.55
C GLY B 114 -16.19 -13.46 -9.82
N ALA C 1 6.81 -5.48 -16.15
CA ALA C 1 7.69 -5.77 -15.03
C ALA C 1 7.27 -7.04 -14.34
N THR C 2 8.27 -7.71 -13.75
CA THR C 2 8.04 -8.91 -12.98
C THR C 2 7.04 -8.63 -11.85
N GLN C 3 6.11 -9.56 -11.65
CA GLN C 3 5.11 -9.46 -10.61
C GLN C 3 5.06 -10.77 -9.81
N GLY C 4 4.58 -10.68 -8.58
CA GLY C 4 4.43 -11.87 -7.78
C GLY C 4 5.68 -12.36 -7.10
N VAL C 5 6.75 -11.56 -7.07
CA VAL C 5 8.03 -11.92 -6.48
C VAL C 5 8.31 -10.93 -5.35
N PHE C 6 8.68 -11.46 -4.18
CA PHE C 6 8.85 -10.63 -3.00
C PHE C 6 10.12 -11.06 -2.26
N THR C 7 10.90 -10.09 -1.78
CA THR C 7 12.04 -10.40 -0.94
C THR C 7 11.64 -10.19 0.51
N LEU C 8 11.52 -11.29 1.23
CA LEU C 8 11.23 -11.29 2.66
C LEU C 8 12.53 -11.30 3.44
N PRO C 9 12.50 -10.92 4.72
CA PRO C 9 13.66 -11.17 5.57
C PRO C 9 13.98 -12.66 5.56
N ALA C 10 15.27 -12.98 5.61
CA ALA C 10 15.66 -14.39 5.59
C ALA C 10 15.12 -15.11 6.83
N ASN C 11 14.84 -16.40 6.65
CA ASN C 11 14.54 -17.32 7.75
C ASN C 11 13.35 -16.85 8.61
N THR C 12 12.30 -16.37 7.95
CA THR C 12 11.16 -15.76 8.61
C THR C 12 9.91 -16.53 8.22
N ARG C 13 9.11 -16.90 9.22
CA ARG C 13 7.84 -17.55 8.94
C ARG C 13 6.86 -16.54 8.37
N PHE C 14 6.13 -16.95 7.34
CA PHE C 14 5.10 -16.10 6.78
C PHE C 14 3.86 -16.94 6.45
N GLY C 15 2.71 -16.29 6.50
CA GLY C 15 1.48 -16.93 6.08
C GLY C 15 1.21 -16.66 4.61
N VAL C 16 0.65 -17.65 3.93
CA VAL C 16 0.15 -17.44 2.58
C VAL C 16 -1.23 -18.09 2.47
N THR C 17 -2.17 -17.36 1.89
CA THR C 17 -3.58 -17.75 1.81
C THR C 17 -4.12 -17.33 0.45
N ALA C 18 -4.92 -18.19 -0.18
CA ALA C 18 -5.42 -17.91 -1.52
C ALA C 18 -6.94 -17.99 -1.54
N PHE C 19 -7.57 -17.07 -2.28
CA PHE C 19 -9.00 -17.01 -2.51
C PHE C 19 -9.27 -17.15 -4.01
N ALA C 20 -10.41 -17.72 -4.36
CA ALA C 20 -10.76 -17.93 -5.77
C ALA C 20 -12.08 -17.24 -6.10
N ASN C 21 -12.11 -16.62 -7.29
CA ASN C 21 -13.25 -15.84 -7.81
C ASN C 21 -13.26 -16.03 -9.33
N SER C 22 -13.60 -17.24 -9.76
CA SER C 22 -13.58 -17.56 -11.19
C SER C 22 -14.26 -18.91 -11.40
N SER C 23 -14.84 -19.10 -12.58
CA SER C 23 -15.38 -20.42 -12.84
C SER C 23 -14.29 -21.42 -13.23
N GLY C 24 -13.05 -20.96 -13.42
CA GLY C 24 -11.93 -21.86 -13.67
C GLY C 24 -11.25 -22.30 -12.37
N THR C 25 -10.81 -23.56 -12.36
CA THR C 25 -10.08 -24.08 -11.21
C THR C 25 -8.72 -23.42 -11.13
N GLN C 26 -8.44 -22.77 -10.01
CA GLN C 26 -7.19 -22.06 -9.83
C GLN C 26 -6.12 -23.01 -9.31
N THR C 27 -4.90 -22.88 -9.83
CA THR C 27 -3.73 -23.57 -9.30
C THR C 27 -2.69 -22.53 -8.89
N VAL C 28 -2.39 -22.49 -7.59
CA VAL C 28 -1.49 -21.50 -6.99
C VAL C 28 -0.26 -22.25 -6.50
N ASN C 29 0.90 -21.88 -7.04
CA ASN C 29 2.18 -22.43 -6.59
C ASN C 29 2.95 -21.35 -5.85
N VAL C 30 3.54 -21.71 -4.72
CA VAL C 30 4.32 -20.79 -3.92
C VAL C 30 5.74 -21.32 -3.86
N LEU C 31 6.67 -20.59 -4.46
CA LEU C 31 8.06 -20.99 -4.54
C LEU C 31 8.85 -20.26 -3.48
N VAL C 32 9.70 -20.99 -2.77
CA VAL C 32 10.67 -20.40 -1.86
C VAL C 32 12.04 -20.86 -2.32
N ASN C 33 12.97 -19.91 -2.46
CA ASN C 33 14.33 -20.19 -2.95
C ASN C 33 14.29 -20.88 -4.31
N ASN C 34 13.32 -20.48 -5.12
CA ASN C 34 13.11 -20.99 -6.47
C ASN C 34 12.65 -22.45 -6.50
N GLU C 35 12.17 -23.00 -5.38
CA GLU C 35 11.60 -24.34 -5.33
C GLU C 35 10.16 -24.24 -4.84
N THR C 36 9.27 -25.01 -5.45
CA THR C 36 7.88 -25.02 -5.00
C THR C 36 7.81 -25.53 -3.56
N ALA C 37 7.15 -24.75 -2.70
CA ALA C 37 6.99 -25.09 -1.30
C ALA C 37 5.55 -25.37 -0.91
N ALA C 38 4.58 -24.90 -1.69
CA ALA C 38 3.18 -25.13 -1.40
C ALA C 38 2.41 -25.03 -2.71
N THR C 39 1.34 -25.81 -2.82
CA THR C 39 0.46 -25.78 -3.98
C THR C 39 -0.97 -25.82 -3.48
N PHE C 40 -1.78 -24.86 -3.96
CA PHE C 40 -3.20 -24.78 -3.68
C PHE C 40 -3.96 -24.93 -4.98
N SER C 41 -5.03 -25.70 -4.97
CA SER C 41 -5.98 -25.69 -6.09
C SER C 41 -7.40 -25.75 -5.56
N GLY C 42 -8.30 -25.07 -6.25
CA GLY C 42 -9.69 -25.02 -5.85
C GLY C 42 -10.45 -24.14 -6.82
N GLN C 43 -11.78 -24.17 -6.68
CA GLN C 43 -12.65 -23.45 -7.60
C GLN C 43 -13.75 -22.82 -6.79
N SER C 44 -13.97 -21.52 -7.02
CA SER C 44 -15.03 -20.79 -6.36
C SER C 44 -15.28 -19.52 -7.14
N THR C 45 -16.54 -19.12 -7.21
CA THR C 45 -16.91 -17.77 -7.61
C THR C 45 -17.35 -16.93 -6.41
N ASN C 46 -17.09 -17.41 -5.19
CA ASN C 46 -17.57 -16.73 -4.00
C ASN C 46 -16.45 -16.52 -2.99
N ASN C 47 -15.21 -16.34 -3.46
CA ASN C 47 -14.07 -15.93 -2.64
C ASN C 47 -13.66 -16.98 -1.63
N ALA C 48 -13.94 -18.25 -1.92
CA ALA C 48 -13.59 -19.31 -0.99
C ALA C 48 -12.08 -19.38 -0.80
N VAL C 49 -11.67 -19.66 0.44
CA VAL C 49 -10.28 -20.01 0.70
C VAL C 49 -9.97 -21.34 0.04
N ILE C 50 -9.05 -21.33 -0.93
CA ILE C 50 -8.64 -22.58 -1.56
C ILE C 50 -7.34 -23.12 -0.98
N GLY C 51 -6.69 -22.37 -0.10
CA GLY C 51 -5.49 -22.85 0.56
C GLY C 51 -4.94 -21.86 1.57
N THR C 52 -4.38 -22.35 2.68
CA THR C 52 -3.66 -21.48 3.61
C THR C 52 -2.57 -22.29 4.29
N GLN C 53 -1.42 -21.68 4.47
CA GLN C 53 -0.25 -22.42 4.94
C GLN C 53 0.73 -21.44 5.56
N VAL C 54 1.56 -21.95 6.47
CA VAL C 54 2.67 -21.19 7.01
C VAL C 54 3.95 -21.76 6.40
N LEU C 55 4.79 -20.87 5.86
CA LEU C 55 6.05 -21.25 5.27
C LEU C 55 7.19 -20.49 5.94
N ASN C 56 8.41 -20.87 5.59
CA ASN C 56 9.61 -20.20 6.04
C ASN C 56 10.34 -19.62 4.82
N SER C 57 10.76 -18.36 4.92
CA SER C 57 11.36 -17.68 3.78
C SER C 57 12.74 -18.22 3.40
N GLY C 58 13.38 -19.00 4.26
CA GLY C 58 14.64 -19.62 3.90
C GLY C 58 15.80 -18.64 3.90
N SER C 59 16.95 -19.16 3.43
CA SER C 59 18.19 -18.39 3.44
C SER C 59 18.10 -17.16 2.53
N SER C 60 17.39 -17.27 1.40
CA SER C 60 17.35 -16.20 0.42
C SER C 60 16.25 -15.19 0.69
N GLY C 61 15.18 -15.60 1.37
CA GLY C 61 14.01 -14.78 1.52
C GLY C 61 13.19 -14.59 0.26
N LYS C 62 13.58 -15.20 -0.85
CA LYS C 62 12.85 -15.00 -2.11
C LYS C 62 11.61 -15.87 -2.14
N VAL C 63 10.44 -15.23 -2.26
CA VAL C 63 9.15 -15.87 -2.34
C VAL C 63 8.51 -15.48 -3.66
N GLN C 64 8.07 -16.46 -4.45
CA GLN C 64 7.43 -16.19 -5.72
C GLN C 64 6.08 -16.90 -5.82
N VAL C 65 5.06 -16.17 -6.28
CA VAL C 65 3.72 -16.70 -6.48
C VAL C 65 3.47 -16.87 -7.98
N GLN C 66 3.02 -18.06 -8.37
CA GLN C 66 2.61 -18.33 -9.75
C GLN C 66 1.20 -18.89 -9.77
N VAL C 67 0.38 -18.43 -10.70
CA VAL C 67 -1.01 -18.84 -10.80
C VAL C 67 -1.28 -19.41 -12.19
N SER C 68 -1.97 -20.55 -12.22
CA SER C 68 -2.29 -21.26 -13.44
C SER C 68 -3.74 -21.72 -13.41
N VAL C 69 -4.35 -21.83 -14.59
CA VAL C 69 -5.70 -22.37 -14.76
C VAL C 69 -5.59 -23.38 -15.90
N ASN C 70 -5.67 -24.67 -15.58
CA ASN C 70 -5.56 -25.76 -16.55
C ASN C 70 -4.39 -25.54 -17.51
N GLY C 71 -3.20 -25.30 -16.94
CA GLY C 71 -2.03 -25.13 -17.76
C GLY C 71 -1.83 -23.75 -18.38
N ARG C 72 -2.80 -22.84 -18.25
CA ARG C 72 -2.64 -21.49 -18.78
C ARG C 72 -2.13 -20.56 -17.68
N PRO C 73 -0.98 -19.92 -17.87
CA PRO C 73 -0.48 -18.98 -16.85
C PRO C 73 -1.37 -17.76 -16.75
N SER C 74 -1.70 -17.38 -15.52
CA SER C 74 -2.46 -16.16 -15.27
C SER C 74 -1.55 -14.95 -15.23
N ASP C 75 -2.04 -13.84 -15.74
CA ASP C 75 -1.34 -12.57 -15.58
C ASP C 75 -1.47 -12.10 -14.14
N LEU C 76 -0.38 -11.57 -13.59
CA LEU C 76 -0.33 -11.22 -12.18
C LEU C 76 -0.19 -9.71 -11.98
N VAL C 77 -0.77 -9.22 -10.90
N VAL C 77 -0.75 -9.22 -10.88
CA VAL C 77 -0.46 -7.91 -10.34
CA VAL C 77 -0.46 -7.90 -10.36
C VAL C 77 -0.06 -8.12 -8.89
C VAL C 77 -0.12 -8.06 -8.89
N SER C 78 0.83 -7.27 -8.39
CA SER C 78 1.29 -7.44 -7.03
C SER C 78 1.85 -6.14 -6.48
N ALA C 79 1.90 -6.07 -5.14
CA ALA C 79 2.55 -4.98 -4.42
C ALA C 79 2.79 -5.45 -2.98
N GLN C 80 3.68 -4.75 -2.30
CA GLN C 80 3.94 -4.99 -0.88
C GLN C 80 3.64 -3.70 -0.12
N VAL C 81 2.94 -3.84 1.01
CA VAL C 81 2.57 -2.71 1.85
C VAL C 81 3.03 -2.98 3.27
N ILE C 82 3.57 -1.97 3.92
CA ILE C 82 4.10 -2.09 5.28
C ILE C 82 3.38 -1.06 6.14
N LEU C 83 2.77 -1.52 7.24
CA LEU C 83 2.06 -0.64 8.16
C LEU C 83 2.85 -0.50 9.44
N THR C 84 2.89 0.72 9.98
CA THR C 84 3.62 1.13 11.18
C THR C 84 5.02 0.50 11.21
N ASN C 85 5.62 0.39 10.02
CA ASN C 85 7.02 -0.01 9.86
C ASN C 85 7.28 -1.41 10.42
N GLU C 86 6.25 -2.24 10.48
CA GLU C 86 6.39 -3.55 11.13
C GLU C 86 5.57 -4.65 10.46
N LEU C 87 4.36 -4.33 10.02
CA LEU C 87 3.41 -5.34 9.55
C LEU C 87 3.41 -5.33 8.03
N ASN C 88 3.67 -6.49 7.43
CA ASN C 88 3.89 -6.62 6.01
C ASN C 88 2.79 -7.41 5.32
N PHE C 89 2.36 -6.91 4.16
CA PHE C 89 1.43 -7.59 3.27
C PHE C 89 2.08 -7.68 1.91
N ALA C 90 2.10 -8.89 1.34
CA ALA C 90 2.49 -9.10 -0.04
C ALA C 90 1.25 -9.60 -0.78
N LEU C 91 0.79 -8.83 -1.75
CA LEU C 91 -0.54 -9.01 -2.33
C LEU C 91 -0.43 -9.36 -3.81
N VAL C 92 -1.23 -10.34 -4.23
CA VAL C 92 -1.20 -10.83 -5.60
C VAL C 92 -2.63 -10.97 -6.09
N GLY C 93 -2.94 -10.31 -7.21
CA GLY C 93 -4.15 -10.62 -7.96
C GLY C 93 -3.79 -11.27 -9.28
N SER C 94 -4.71 -12.01 -9.88
CA SER C 94 -4.42 -12.73 -11.12
C SER C 94 -5.63 -12.75 -12.05
N GLU C 95 -5.36 -12.80 -13.35
CA GLU C 95 -6.40 -12.75 -14.37
C GLU C 95 -6.23 -13.95 -15.28
N ASP C 96 -7.28 -14.76 -15.37
CA ASP C 96 -7.25 -15.96 -16.20
C ASP C 96 -8.03 -15.81 -17.50
N GLY C 97 -8.67 -14.65 -17.72
CA GLY C 97 -9.44 -14.41 -18.93
C GLY C 97 -9.29 -13.01 -19.49
N THR C 98 -10.38 -12.42 -20.00
CA THR C 98 -10.35 -11.10 -20.61
C THR C 98 -11.26 -10.09 -19.94
N ASP C 99 -11.91 -10.42 -18.82
CA ASP C 99 -12.76 -9.41 -18.19
C ASP C 99 -11.96 -8.48 -17.28
N ASN C 100 -10.70 -8.81 -17.00
CA ASN C 100 -9.75 -7.93 -16.33
C ASN C 100 -10.23 -7.47 -14.95
N ASP C 101 -10.75 -8.43 -14.16
CA ASP C 101 -11.03 -8.12 -12.77
C ASP C 101 -9.90 -8.50 -11.82
N TYR C 102 -8.95 -9.34 -12.27
CA TYR C 102 -7.73 -9.68 -11.53
C TYR C 102 -8.01 -10.26 -10.14
N ASN C 103 -9.18 -10.87 -9.96
CA ASN C 103 -9.53 -11.50 -8.69
C ASN C 103 -9.66 -13.01 -8.80
N ASP C 104 -9.28 -13.59 -9.95
CA ASP C 104 -9.61 -14.99 -10.21
C ASP C 104 -8.91 -15.92 -9.23
N ALA C 105 -7.66 -15.62 -8.91
CA ALA C 105 -7.02 -16.12 -7.70
C ALA C 105 -6.40 -14.92 -7.01
N VAL C 106 -6.77 -14.70 -5.75
CA VAL C 106 -6.21 -13.64 -4.93
C VAL C 106 -5.34 -14.28 -3.86
N VAL C 107 -4.09 -13.83 -3.74
CA VAL C 107 -3.13 -14.42 -2.82
C VAL C 107 -2.64 -13.34 -1.86
N VAL C 108 -2.73 -13.61 -0.56
CA VAL C 108 -2.25 -12.73 0.49
C VAL C 108 -1.14 -13.44 1.25
N ILE C 109 0.02 -12.78 1.35
CA ILE C 109 1.15 -13.23 2.15
C ILE C 109 1.33 -12.20 3.26
N ASN C 110 1.50 -12.66 4.49
CA ASN C 110 1.66 -11.73 5.60
C ASN C 110 2.73 -12.19 6.57
N TRP C 111 3.45 -11.24 7.14
CA TRP C 111 4.47 -11.50 8.13
C TRP C 111 4.66 -10.21 8.94
N PRO C 112 5.23 -10.31 10.15
CA PRO C 112 5.65 -11.53 10.83
C PRO C 112 4.45 -12.26 11.41
N LEU C 113 4.68 -13.50 11.84
CA LEU C 113 3.71 -14.32 12.54
C LEU C 113 4.08 -14.37 14.02
N GLY C 114 3.27 -15.10 14.79
CA GLY C 114 3.62 -15.41 16.17
C GLY C 114 3.15 -14.35 17.14
N ALA D 1 -0.71 -6.67 -16.84
CA ALA D 1 -1.87 -5.78 -16.67
C ALA D 1 -1.58 -4.35 -17.12
N THR D 2 -2.65 -3.59 -17.42
CA THR D 2 -2.53 -2.17 -17.68
C THR D 2 -1.98 -1.47 -16.44
N GLN D 3 -1.08 -0.51 -16.66
CA GLN D 3 -0.47 0.23 -15.57
C GLN D 3 -0.47 1.70 -15.94
N GLY D 4 -0.45 2.55 -14.91
CA GLY D 4 -0.40 3.99 -15.10
C GLY D 4 -1.73 4.64 -15.40
N VAL D 5 -2.84 3.93 -15.20
CA VAL D 5 -4.18 4.46 -15.42
C VAL D 5 -4.92 4.43 -14.08
N PHE D 6 -5.51 5.56 -13.71
CA PHE D 6 -6.18 5.71 -12.43
C PHE D 6 -7.53 6.38 -12.61
N THR D 7 -8.55 5.89 -11.92
CA THR D 7 -9.86 6.53 -11.92
C THR D 7 -9.97 7.40 -10.67
N LEU D 8 -9.96 8.72 -10.86
CA LEU D 8 -10.13 9.64 -9.76
C LEU D 8 -11.58 10.06 -9.64
N PRO D 9 -12.01 10.55 -8.48
CA PRO D 9 -13.33 11.20 -8.43
C PRO D 9 -13.42 12.26 -9.51
N ALA D 10 -14.61 12.40 -10.09
CA ALA D 10 -14.79 13.38 -11.14
C ALA D 10 -14.57 14.78 -10.61
N ASN D 11 -14.07 15.66 -11.48
CA ASN D 11 -14.01 17.09 -11.21
C ASN D 11 -13.30 17.38 -9.89
N THR D 12 -12.17 16.71 -9.70
CA THR D 12 -11.37 16.83 -8.49
C THR D 12 -9.97 17.29 -8.85
N ARG D 13 -9.49 18.31 -8.15
CA ARG D 13 -8.12 18.77 -8.33
C ARG D 13 -7.14 17.75 -7.75
N PHE D 14 -5.99 17.60 -8.41
CA PHE D 14 -4.98 16.68 -7.93
C PHE D 14 -3.60 17.20 -8.31
N GLY D 15 -2.62 16.87 -7.48
CA GLY D 15 -1.23 17.15 -7.80
C GLY D 15 -0.61 15.99 -8.57
N VAL D 16 0.26 16.31 -9.52
CA VAL D 16 1.07 15.32 -10.20
C VAL D 16 2.50 15.85 -10.23
N THR D 17 3.44 15.01 -9.80
CA THR D 17 4.85 15.38 -9.62
C THR D 17 5.73 14.28 -10.20
N ALA D 18 6.73 14.65 -10.98
CA ALA D 18 7.59 13.66 -11.62
C ALA D 18 9.04 13.86 -11.21
N PHE D 19 9.71 12.75 -10.94
CA PHE D 19 11.13 12.70 -10.58
C PHE D 19 11.89 11.92 -11.65
N ALA D 20 13.16 12.27 -11.86
CA ALA D 20 14.01 11.60 -12.83
C ALA D 20 15.23 10.99 -12.15
N ASN D 21 15.59 9.77 -12.58
CA ASN D 21 16.73 9.00 -12.05
C ASN D 21 17.30 8.14 -13.18
N SER D 22 17.96 8.79 -14.16
CA SER D 22 18.42 8.05 -15.32
C SER D 22 19.34 8.94 -16.14
N SER D 23 20.27 8.32 -16.84
CA SER D 23 21.08 9.09 -17.78
C SER D 23 20.30 9.50 -19.03
N GLY D 24 19.13 8.91 -19.25
CA GLY D 24 18.30 9.30 -20.38
C GLY D 24 17.30 10.38 -20.02
N THR D 25 17.01 11.22 -21.01
CA THR D 25 16.05 12.31 -20.83
C THR D 25 14.64 11.73 -20.74
N GLN D 26 13.98 11.93 -19.61
CA GLN D 26 12.62 11.47 -19.40
C GLN D 26 11.61 12.47 -19.95
N THR D 27 10.60 11.94 -20.62
CA THR D 27 9.42 12.71 -21.04
C THR D 27 8.22 12.12 -20.31
N VAL D 28 7.55 12.92 -19.51
CA VAL D 28 6.35 12.49 -18.77
C VAL D 28 5.14 13.24 -19.29
N ASN D 29 4.15 12.52 -19.79
CA ASN D 29 2.88 13.09 -20.20
C ASN D 29 1.78 12.61 -19.27
N VAL D 30 0.93 13.54 -18.84
CA VAL D 30 -0.23 13.25 -18.00
C VAL D 30 -1.47 13.54 -18.82
N LEU D 31 -2.24 12.51 -19.11
CA LEU D 31 -3.46 12.65 -19.89
C LEU D 31 -4.66 12.68 -18.96
N VAL D 32 -5.59 13.58 -19.24
CA VAL D 32 -6.89 13.61 -18.57
C VAL D 32 -7.95 13.48 -19.65
N ASN D 33 -8.87 12.53 -19.47
CA ASN D 33 -9.89 12.20 -20.48
C ASN D 33 -9.26 11.98 -21.85
N ASN D 34 -8.11 11.31 -21.85
CA ASN D 34 -7.37 10.94 -23.06
C ASN D 34 -6.79 12.14 -23.79
N GLU D 35 -6.69 13.30 -23.16
CA GLU D 35 -6.03 14.45 -23.75
C GLU D 35 -4.85 14.83 -22.87
N THR D 36 -3.72 15.15 -23.50
CA THR D 36 -2.54 15.55 -22.76
C THR D 36 -2.83 16.84 -21.99
N ALA D 37 -2.65 16.79 -20.67
CA ALA D 37 -2.87 17.93 -19.81
C ALA D 37 -1.59 18.50 -19.22
N ALA D 38 -0.53 17.70 -19.14
CA ALA D 38 0.75 18.23 -18.67
C ALA D 38 1.87 17.38 -19.23
N THR D 39 2.97 18.03 -19.56
CA THR D 39 4.18 17.38 -20.04
C THR D 39 5.38 17.93 -19.28
N PHE D 40 6.24 17.04 -18.80
CA PHE D 40 7.51 17.41 -18.19
C PHE D 40 8.62 16.64 -18.87
N SER D 41 9.77 17.30 -19.08
CA SER D 41 10.94 16.65 -19.64
C SER D 41 12.15 17.03 -18.83
N GLY D 42 13.06 16.07 -18.68
CA GLY D 42 14.28 16.38 -17.94
C GLY D 42 15.19 15.20 -17.77
N GLN D 43 16.46 15.46 -17.48
CA GLN D 43 17.43 14.42 -17.22
C GLN D 43 18.06 14.67 -15.86
N SER D 44 18.12 13.60 -15.05
CA SER D 44 18.74 13.68 -13.73
C SER D 44 19.04 12.27 -13.25
N THR D 45 20.15 12.13 -12.52
CA THR D 45 20.40 10.93 -11.74
C THR D 45 20.30 11.20 -10.25
N ASN D 46 19.74 12.36 -9.86
CA ASN D 46 19.69 12.80 -8.47
C ASN D 46 18.28 13.20 -8.06
N ASN D 47 17.26 12.57 -8.67
CA ASN D 47 15.87 12.68 -8.25
C ASN D 47 15.29 14.08 -8.47
N ALA D 48 15.75 14.79 -9.49
CA ALA D 48 15.21 16.12 -9.78
C ALA D 48 13.70 16.04 -9.96
N VAL D 49 13.01 17.05 -9.46
CA VAL D 49 11.59 17.20 -9.74
C VAL D 49 11.44 17.87 -11.10
N ILE D 50 11.35 17.06 -12.16
CA ILE D 50 11.34 17.65 -13.49
C ILE D 50 10.02 18.33 -13.79
N GLY D 51 9.00 18.12 -12.96
CA GLY D 51 7.79 18.90 -13.04
C GLY D 51 6.81 18.61 -11.91
N THR D 52 6.05 19.61 -11.50
CA THR D 52 4.89 19.40 -10.66
C THR D 52 3.80 20.36 -11.12
N GLN D 53 2.55 19.94 -10.95
CA GLN D 53 1.43 20.66 -11.53
C GLN D 53 0.17 20.29 -10.76
N VAL D 54 -0.81 21.18 -10.78
CA VAL D 54 -2.15 20.87 -10.28
C VAL D 54 -3.11 20.82 -11.45
N LEU D 55 -3.81 19.70 -11.58
CA LEU D 55 -4.74 19.44 -12.67
C LEU D 55 -6.11 19.10 -12.09
N ASN D 56 -7.11 19.05 -12.96
CA ASN D 56 -8.46 18.69 -12.59
C ASN D 56 -8.84 17.39 -13.29
N SER D 57 -9.43 16.45 -12.55
CA SER D 57 -9.72 15.13 -13.09
C SER D 57 -10.83 15.16 -14.13
N GLY D 58 -11.65 16.20 -14.14
CA GLY D 58 -12.64 16.37 -15.20
C GLY D 58 -13.78 15.37 -15.14
N SER D 59 -14.62 15.43 -16.18
CA SER D 59 -15.91 14.75 -16.16
C SER D 59 -15.77 13.24 -16.04
N SER D 60 -14.75 12.65 -16.67
CA SER D 60 -14.55 11.20 -16.62
C SER D 60 -13.73 10.76 -15.43
N GLY D 61 -12.90 11.64 -14.87
CA GLY D 61 -12.01 11.25 -13.78
C GLY D 61 -10.87 10.35 -14.18
N LYS D 62 -10.76 9.95 -15.44
CA LYS D 62 -9.69 9.06 -15.90
C LYS D 62 -8.37 9.81 -16.05
N VAL D 63 -7.32 9.32 -15.38
CA VAL D 63 -6.01 9.94 -15.42
C VAL D 63 -4.99 8.89 -15.84
N GLN D 64 -4.17 9.24 -16.85
CA GLN D 64 -3.17 8.32 -17.37
C GLN D 64 -1.80 8.99 -17.40
N VAL D 65 -0.78 8.27 -16.94
CA VAL D 65 0.61 8.69 -16.99
C VAL D 65 1.31 7.91 -18.11
N GLN D 66 2.07 8.62 -18.94
CA GLN D 66 2.93 7.98 -19.94
C GLN D 66 4.36 8.48 -19.76
N VAL D 67 5.33 7.59 -19.99
CA VAL D 67 6.74 7.91 -19.82
C VAL D 67 7.49 7.40 -21.04
N SER D 68 8.36 8.24 -21.58
CA SER D 68 9.04 7.95 -22.83
C SER D 68 10.46 8.51 -22.76
N VAL D 69 11.38 7.83 -23.43
CA VAL D 69 12.77 8.27 -23.51
C VAL D 69 13.17 8.25 -24.98
N ASN D 70 13.46 9.43 -25.54
CA ASN D 70 13.79 9.60 -26.95
C ASN D 70 12.73 8.93 -27.83
N GLY D 71 11.47 9.05 -27.42
CA GLY D 71 10.34 8.57 -28.19
C GLY D 71 9.91 7.13 -27.94
N ARG D 72 10.60 6.40 -27.07
CA ARG D 72 10.32 5.00 -26.79
C ARG D 72 9.64 4.85 -25.44
N PRO D 73 8.48 4.21 -25.38
CA PRO D 73 7.76 4.11 -24.09
C PRO D 73 8.51 3.27 -23.08
N SER D 74 8.61 3.77 -21.86
CA SER D 74 9.19 3.02 -20.77
C SER D 74 8.18 2.01 -20.25
N ASP D 75 8.68 0.99 -19.56
CA ASP D 75 7.81 -0.01 -18.96
C ASP D 75 7.35 0.48 -17.59
N LEU D 76 6.05 0.40 -17.33
CA LEU D 76 5.42 1.06 -16.18
C LEU D 76 4.97 0.05 -15.13
N VAL D 77 5.12 0.45 -13.86
N VAL D 77 5.10 0.45 -13.86
CA VAL D 77 4.52 -0.20 -12.70
CA VAL D 77 4.48 -0.23 -12.72
C VAL D 77 3.73 0.84 -11.91
C VAL D 77 3.73 0.83 -11.93
N SER D 78 2.62 0.44 -11.32
CA SER D 78 1.78 1.42 -10.64
C SER D 78 0.91 0.77 -9.57
N ALA D 79 0.41 1.61 -8.66
CA ALA D 79 -0.58 1.25 -7.66
C ALA D 79 -1.19 2.51 -7.07
N GLN D 80 -2.28 2.33 -6.32
CA GLN D 80 -2.93 3.40 -5.57
C GLN D 80 -3.06 2.98 -4.11
N VAL D 81 -2.77 3.91 -3.20
CA VAL D 81 -2.88 3.66 -1.77
C VAL D 81 -3.68 4.78 -1.12
N ILE D 82 -4.50 4.44 -0.13
CA ILE D 82 -5.37 5.40 0.53
C ILE D 82 -5.11 5.31 2.01
N LEU D 83 -4.78 6.45 2.62
CA LEU D 83 -4.55 6.53 4.06
C LEU D 83 -5.75 7.16 4.75
N THR D 84 -6.04 6.65 5.97
CA THR D 84 -7.21 6.99 6.78
C THR D 84 -8.47 7.27 5.95
N ASN D 85 -8.70 6.46 4.90
CA ASN D 85 -9.92 6.49 4.11
C ASN D 85 -10.12 7.86 3.43
N GLU D 86 -9.05 8.63 3.24
CA GLU D 86 -9.23 10.02 2.81
C GLU D 86 -8.11 10.50 1.88
N LEU D 87 -6.86 10.21 2.24
CA LEU D 87 -5.71 10.76 1.54
C LEU D 87 -5.22 9.76 0.49
N ASN D 88 -5.17 10.18 -0.77
CA ASN D 88 -4.95 9.27 -1.88
C ASN D 88 -3.59 9.53 -2.54
N PHE D 89 -2.91 8.44 -2.89
CA PHE D 89 -1.70 8.51 -3.72
C PHE D 89 -1.84 7.54 -4.86
N ALA D 90 -1.57 8.01 -6.09
CA ALA D 90 -1.41 7.12 -7.23
C ALA D 90 0.06 7.18 -7.62
N LEU D 91 0.70 6.02 -7.67
CA LEU D 91 2.14 5.94 -7.79
C LEU D 91 2.51 5.24 -9.10
N VAL D 92 3.56 5.73 -9.74
CA VAL D 92 4.02 5.21 -11.02
C VAL D 92 5.53 5.12 -10.99
N GLY D 93 6.08 3.96 -11.34
CA GLY D 93 7.49 3.86 -11.65
C GLY D 93 7.67 3.43 -13.09
N SER D 94 8.88 3.59 -13.63
CA SER D 94 9.12 3.29 -15.03
C SER D 94 10.58 2.88 -15.23
N GLU D 95 10.80 2.06 -16.25
CA GLU D 95 12.11 1.51 -16.59
C GLU D 95 12.36 1.79 -18.07
N ASP D 96 13.48 2.45 -18.36
CA ASP D 96 13.84 2.80 -19.74
C ASP D 96 14.95 1.92 -20.29
N GLY D 97 15.46 0.99 -19.51
CA GLY D 97 16.63 0.20 -19.90
C GLY D 97 16.57 -1.20 -19.35
N THR D 98 17.72 -1.68 -18.88
CA THR D 98 17.89 -3.09 -18.60
C THR D 98 18.20 -3.42 -17.15
N ASP D 99 18.37 -2.43 -16.28
CA ASP D 99 18.76 -2.72 -14.90
C ASP D 99 17.58 -2.92 -13.97
N ASN D 100 16.36 -2.63 -14.43
CA ASN D 100 15.13 -2.84 -13.67
C ASN D 100 15.14 -2.19 -12.29
N ASP D 101 15.66 -0.96 -12.19
CA ASP D 101 15.44 -0.27 -10.94
C ASP D 101 14.10 0.46 -10.91
N TYR D 102 13.51 0.75 -12.08
CA TYR D 102 12.13 1.23 -12.19
C TYR D 102 11.93 2.60 -11.52
N ASN D 103 13.01 3.35 -11.40
CA ASN D 103 12.97 4.71 -10.85
C ASN D 103 13.31 5.76 -11.91
N ASP D 104 13.47 5.35 -13.17
CA ASP D 104 14.01 6.24 -14.19
C ASP D 104 13.16 7.49 -14.35
N ALA D 105 11.84 7.32 -14.31
CA ALA D 105 10.90 8.40 -14.03
C ALA D 105 9.92 7.86 -12.99
N VAL D 106 9.77 8.58 -11.88
CA VAL D 106 8.80 8.26 -10.85
C VAL D 106 7.75 9.36 -10.83
N VAL D 107 6.48 8.98 -10.83
CA VAL D 107 5.37 9.93 -10.83
C VAL D 107 4.48 9.66 -9.62
N VAL D 108 4.15 10.72 -8.89
CA VAL D 108 3.27 10.67 -7.72
C VAL D 108 2.11 11.62 -7.96
N ILE D 109 0.89 11.10 -7.80
CA ILE D 109 -0.35 11.83 -7.93
C ILE D 109 -1.02 11.81 -6.56
N ASN D 110 -1.43 12.99 -6.06
CA ASN D 110 -2.06 13.02 -4.75
C ASN D 110 -3.32 13.89 -4.74
N TRP D 111 -4.27 13.49 -3.91
CA TRP D 111 -5.51 14.23 -3.73
C TRP D 111 -6.12 13.78 -2.42
N PRO D 112 -7.01 14.59 -1.83
CA PRO D 112 -7.50 15.88 -2.27
C PRO D 112 -6.51 16.98 -1.98
N LEU D 113 -6.69 18.13 -2.63
CA LEU D 113 -5.84 19.29 -2.38
C LEU D 113 -6.60 20.30 -1.52
N GLY D 114 -5.94 21.40 -1.19
CA GLY D 114 -6.60 22.52 -0.52
C GLY D 114 -6.60 22.49 0.99
C2 DLS E 1 -2.19 -17.63 41.06
O1 DLS E 1 -1.56 -16.05 39.53
C1 DLS E 1 -2.39 -16.27 40.36
N DLS E 1 -3.49 -15.88 41.03
CA DLS E 1 -3.12 -14.56 40.56
C DLS E 1 -2.20 -13.82 41.52
O DLS E 1 -1.51 -12.86 41.14
CB DLS E 1 -4.37 -13.73 40.27
CG DLS E 1 -5.55 -14.03 41.16
CD DLS E 1 -6.80 -14.36 40.35
CE DLS E 1 -7.10 -13.31 39.27
NZ DLS E 1 -6.42 -13.60 37.95
CH3 DLS E 1 -6.63 -13.70 35.40
OH DLS E 1 -7.72 -12.23 36.81
CH DLS E 1 -6.95 -13.15 36.80
N LYS E 2 -2.19 -14.25 42.79
CA LYS E 2 -1.09 -13.89 43.66
C LYS E 2 0.20 -14.57 43.23
N CYS E 3 0.11 -15.54 42.32
CA CYS E 3 1.25 -16.31 41.84
C CYS E 3 1.66 -15.93 40.42
N LYS E 4 1.18 -14.80 39.90
CA LYS E 4 1.55 -14.28 38.58
C LYS E 4 1.15 -15.24 37.46
N LEU E 5 0.06 -15.98 37.64
CA LEU E 5 -0.38 -16.98 36.67
C LEU E 5 -1.77 -16.67 36.10
N CYS E 6 -2.13 -15.39 36.02
CA CYS E 6 -3.25 -15.01 35.17
C CYS E 6 -2.79 -15.11 33.72
N LEU E 7 -3.22 -16.16 33.03
CA LEU E 7 -2.72 -16.49 31.70
C LEU E 7 -3.81 -16.29 30.66
N LYS E 8 -3.38 -16.02 29.44
CA LYS E 8 -4.27 -15.86 28.30
C LYS E 8 -4.71 -17.20 27.74
N NH2 E 9 -3.88 -18.23 27.96
C1 ZDC F . -7.60 24.95 5.52
C1M ZDC F . -7.76 25.98 4.40
C2 ZDC F . -7.66 23.50 4.98
C3 ZDC F . -7.56 22.61 6.20
C4 ZDC F . -6.31 22.83 7.04
C5 ZDC F . -6.39 24.30 7.44
C6 ZDC F . -7.11 24.79 8.67
C7 ZDC F . -6.76 26.24 9.09
O2 ZDC F . -6.49 23.20 4.18
O3 ZDC F . -7.57 21.25 5.70
O4 ZDC F . -6.37 21.95 8.19
O5 ZDC F . -6.35 25.11 6.26
O7A ZDC F . -7.64 27.02 8.82
CA CA G . -6.71 19.64 7.40
CA CA H . -5.90 20.81 3.95
CA CA I . 17.52 4.60 -12.75
C1 ZDC J . 21.33 4.86 -15.67
C1M ZDC J . 22.19 5.98 -15.10
C2 ZDC J . 20.48 4.21 -14.55
C3 ZDC J . 19.52 3.25 -15.23
C4 ZDC J . 18.68 3.87 -16.33
C5 ZDC J . 19.65 4.41 -17.38
C6 ZDC J . 20.09 3.66 -18.61
C7 ZDC J . 20.94 4.49 -19.59
O2 ZDC J . 19.72 5.23 -13.87
O3 ZDC J . 18.64 2.71 -14.21
O4 ZDC J . 17.86 2.82 -16.93
O5 ZDC J . 20.47 5.38 -16.74
O7A ZDC J . 22.10 4.48 -19.29
CA CA K . 1.32 -7.88 19.72
CA CA L . 1.59 -11.09 17.83
CA CA M . -13.17 -13.22 -11.53
C1 ZDC N . -15.85 -15.79 -14.58
C1M ZDC N . -17.10 -16.32 -13.85
C2 ZDC N . -15.32 -14.47 -13.95
C3 ZDC N . -14.04 -14.07 -14.69
C4 ZDC N . -13.00 -15.17 -14.73
C5 ZDC N . -13.71 -16.38 -15.37
C6 ZDC N . -13.80 -16.60 -16.84
C7 ZDC N . -14.35 -17.96 -17.27
O2 ZDC N . -14.93 -14.73 -12.58
O3 ZDC N . -13.49 -12.90 -14.02
O4 ZDC N . -11.86 -14.70 -15.52
O5 ZDC N . -14.78 -16.80 -14.51
O7A ZDC N . -15.49 -17.90 -17.66
CA CA O . -11.10 -12.50 -14.52
CA CA P . 16.50 1.83 -15.09
C1 ZDC Q . 2.23 -13.02 22.22
C1M ZDC Q . 2.50 -14.50 22.03
C2 ZDC Q . 2.71 -12.22 20.98
C3 ZDC Q . 2.30 -10.78 21.16
C4 ZDC Q . 0.84 -10.59 21.51
C5 ZDC Q . 0.64 -11.40 22.80
C6 ZDC Q . 1.01 -10.91 24.15
C7 ZDC Q . 0.46 -11.82 25.25
O2 ZDC Q . 1.97 -12.67 19.83
O3 ZDC Q . 2.51 -10.13 19.88
O4 ZDC Q . 0.63 -9.15 21.73
O5 ZDC Q . 0.81 -12.79 22.49
O7A ZDC Q . 1.16 -12.72 25.67
#